data_3MKZ
#
_entry.id   3MKZ
#
_cell.length_a   111.380
_cell.length_b   47.120
_cell.length_c   118.230
_cell.angle_alpha   90.00
_cell.angle_beta   115.97
_cell.angle_gamma   90.00
#
_symmetry.space_group_name_H-M   'P 1 21 1'
#
loop_
_entity.id
_entity.type
_entity.pdbx_description
1 polymer 'Protein sopB'
2 polymer "DNA (5'-D(*CP*TP*GP*GP*GP*AP*CP*CP*AP*TP*GP*GP*TP*CP*CP*CP*AP*G)-3')"
3 non-polymer 'CALCIUM ION'
4 water water
#
loop_
_entity_poly.entity_id
_entity_poly.type
_entity_poly.pdbx_seq_one_letter_code
_entity_poly.pdbx_strand_id
1 'polypeptide(L)'
;GSHYRPTSAYERGQRYASRLQNEFAGNISALADAENISRKIITRCINTAKLPKSVVALFSHPGELSARSGDALQKAFTDK
EELLKQQASNLHEQKKAGVIFEADEVITLLTSVLKTSSASR
;
A,B,U,N
2 'polydeoxyribonucleotide' (DC)(DT)(DG)(DG)(DG)(DA)(DC)(DC)(DA)(DT)(DG)(DG)(DT)(DC)(DC)(DC)(DA)(DG) C,D,Y,Z
#
# COMPACT_ATOMS: atom_id res chain seq x y z
N PRO A 6 9.42 -17.46 2.00
CA PRO A 6 8.03 -16.99 2.24
C PRO A 6 7.25 -16.86 0.92
N THR A 7 6.17 -16.07 0.90
CA THR A 7 5.38 -15.87 -0.32
C THR A 7 5.99 -14.75 -1.17
N SER A 8 6.22 -15.02 -2.46
CA SER A 8 6.83 -14.03 -3.37
C SER A 8 6.12 -12.68 -3.33
N ALA A 9 6.90 -11.60 -3.25
CA ALA A 9 6.32 -10.25 -3.24
C ALA A 9 5.29 -10.13 -4.34
N TYR A 10 5.65 -10.60 -5.53
CA TYR A 10 4.76 -10.55 -6.65
C TYR A 10 3.41 -11.17 -6.26
N GLU A 11 3.44 -12.45 -5.91
CA GLU A 11 2.21 -13.15 -5.52
C GLU A 11 1.54 -12.50 -4.30
N ARG A 12 2.34 -11.90 -3.41
CA ARG A 12 1.76 -11.22 -2.25
C ARG A 12 0.91 -10.05 -2.83
N GLY A 13 1.53 -9.21 -3.67
CA GLY A 13 0.89 -8.07 -4.26
C GLY A 13 -0.39 -8.39 -5.00
N GLN A 14 -0.31 -9.50 -5.73
CA GLN A 14 -1.41 -10.05 -6.53
C GLN A 14 -2.65 -10.23 -5.65
N ARG A 15 -2.40 -10.77 -4.46
CA ARG A 15 -3.44 -11.03 -3.47
C ARG A 15 -3.91 -9.71 -2.81
N TYR A 16 -2.95 -8.84 -2.47
CA TYR A 16 -3.21 -7.53 -1.87
C TYR A 16 -4.09 -6.71 -2.80
N ALA A 17 -3.75 -6.81 -4.08
CA ALA A 17 -4.48 -6.09 -5.10
C ALA A 17 -5.93 -6.50 -5.13
N SER A 18 -6.19 -7.79 -5.29
CA SER A 18 -7.57 -8.33 -5.37
C SER A 18 -8.30 -7.90 -4.13
N ARG A 19 -7.67 -8.13 -2.99
CA ARG A 19 -8.20 -7.83 -1.70
C ARG A 19 -8.60 -6.34 -1.68
N LEU A 20 -7.62 -5.48 -1.95
CA LEU A 20 -7.82 -4.03 -1.96
C LEU A 20 -8.95 -3.59 -2.90
N GLN A 21 -8.90 -4.05 -4.15
CA GLN A 21 -9.91 -3.70 -5.13
C GLN A 21 -11.34 -4.18 -4.87
N ASN A 22 -11.54 -5.48 -4.72
CA ASN A 22 -12.91 -5.94 -4.53
C ASN A 22 -13.37 -6.35 -3.15
N GLU A 23 -12.78 -5.76 -2.14
CA GLU A 23 -13.17 -6.05 -0.78
C GLU A 23 -12.92 -4.80 0.07
N PHE A 24 -12.13 -3.89 -0.44
CA PHE A 24 -11.83 -2.71 0.33
C PHE A 24 -12.11 -1.37 -0.33
N ALA A 25 -12.84 -1.39 -1.44
CA ALA A 25 -13.18 -0.12 -2.05
C ALA A 25 -11.93 0.69 -2.40
N GLY A 26 -10.79 0.05 -2.45
CA GLY A 26 -9.61 0.80 -2.78
C GLY A 26 -9.07 1.63 -1.64
N ASN A 27 -9.57 1.44 -0.43
CA ASN A 27 -9.01 2.18 0.71
C ASN A 27 -7.72 1.44 1.16
N ILE A 28 -6.53 1.82 0.69
CA ILE A 28 -5.34 1.06 1.14
C ILE A 28 -5.11 1.12 2.66
N SER A 29 -5.65 2.16 3.30
CA SER A 29 -5.50 2.30 4.74
C SER A 29 -6.15 1.11 5.40
N ALA A 30 -7.39 0.89 4.98
CA ALA A 30 -8.23 -0.22 5.43
C ALA A 30 -7.58 -1.59 5.17
N LEU A 31 -6.99 -1.77 3.98
CA LEU A 31 -6.36 -3.03 3.59
C LEU A 31 -5.13 -3.33 4.40
N ALA A 32 -4.38 -2.29 4.70
CA ALA A 32 -3.14 -2.45 5.46
C ALA A 32 -3.45 -2.61 6.93
N ASP A 33 -4.69 -2.33 7.28
CA ASP A 33 -5.10 -2.44 8.67
C ASP A 33 -5.60 -3.84 8.97
N ALA A 34 -6.31 -4.43 8.02
CA ALA A 34 -6.84 -5.76 8.25
C ALA A 34 -5.81 -6.81 7.88
N GLU A 35 -4.56 -6.38 7.79
CA GLU A 35 -3.47 -7.28 7.45
C GLU A 35 -2.41 -6.88 8.41
N ASN A 36 -2.78 -5.96 9.26
CA ASN A 36 -1.88 -5.43 10.24
C ASN A 36 -0.44 -5.35 9.72
N ILE A 37 -0.27 -4.58 8.64
CA ILE A 37 1.03 -4.37 8.04
C ILE A 37 1.06 -2.94 7.49
N SER A 38 2.25 -2.38 7.38
CA SER A 38 2.39 -1.01 6.89
C SER A 38 1.84 -0.75 5.50
N ARG A 39 1.13 0.38 5.38
CA ARG A 39 0.52 0.84 4.15
C ARG A 39 1.53 0.75 2.99
N LYS A 40 2.75 1.25 3.23
CA LYS A 40 3.77 1.22 2.17
C LYS A 40 4.15 -0.19 1.70
N ILE A 41 3.97 -1.18 2.56
CA ILE A 41 4.25 -2.56 2.16
C ILE A 41 3.21 -2.97 1.11
N ILE A 42 1.92 -2.75 1.38
CA ILE A 42 0.85 -3.07 0.43
C ILE A 42 1.25 -2.49 -0.93
N THR A 43 1.63 -1.22 -0.90
CA THR A 43 2.07 -0.49 -2.07
C THR A 43 3.22 -1.17 -2.91
N ARG A 44 4.41 -1.39 -2.32
CA ARG A 44 5.52 -2.02 -3.05
C ARG A 44 5.06 -3.30 -3.69
N CYS A 45 4.47 -4.14 -2.86
CA CYS A 45 3.98 -5.42 -3.31
C CYS A 45 3.01 -5.25 -4.45
N ILE A 46 1.87 -4.60 -4.19
CA ILE A 46 0.89 -4.37 -5.26
C ILE A 46 1.59 -3.93 -6.54
N ASN A 47 2.47 -2.94 -6.42
CA ASN A 47 3.21 -2.46 -7.57
C ASN A 47 3.94 -3.55 -8.32
N THR A 48 4.73 -4.34 -7.60
CA THR A 48 5.46 -5.40 -8.26
C THR A 48 4.50 -6.27 -9.06
N ALA A 49 3.37 -6.60 -8.45
CA ALA A 49 2.40 -7.44 -9.08
C ALA A 49 1.88 -6.86 -10.41
N LYS A 50 2.16 -5.59 -10.62
CA LYS A 50 1.72 -4.93 -11.85
C LYS A 50 2.71 -5.17 -13.00
N LEU A 51 3.78 -5.91 -12.73
CA LEU A 51 4.73 -6.17 -13.80
C LEU A 51 4.17 -7.31 -14.65
N PRO A 52 4.54 -7.38 -15.93
CA PRO A 52 4.03 -8.44 -16.79
C PRO A 52 4.46 -9.80 -16.22
N LYS A 53 3.58 -10.80 -16.26
CA LYS A 53 3.99 -12.09 -15.73
C LYS A 53 5.19 -12.59 -16.54
N SER A 54 5.41 -11.99 -17.70
CA SER A 54 6.55 -12.36 -18.55
C SER A 54 7.86 -11.87 -17.95
N VAL A 55 7.79 -10.99 -16.96
CA VAL A 55 9.01 -10.46 -16.33
C VAL A 55 9.33 -11.23 -15.06
N VAL A 56 8.28 -11.69 -14.35
CA VAL A 56 8.49 -12.45 -13.12
C VAL A 56 9.18 -13.76 -13.49
N ALA A 57 8.82 -14.30 -14.65
CA ALA A 57 9.40 -15.55 -15.17
C ALA A 57 10.93 -15.51 -15.22
N LEU A 58 11.51 -14.52 -15.91
CA LEU A 58 12.98 -14.38 -16.02
C LEU A 58 13.76 -14.84 -14.77
N PHE A 59 13.17 -14.62 -13.59
CA PHE A 59 13.80 -15.03 -12.33
C PHE A 59 13.53 -16.52 -12.07
N SER A 60 14.59 -17.24 -11.67
CA SER A 60 14.47 -18.66 -11.38
C SER A 60 13.26 -18.90 -10.52
N HIS A 61 13.19 -18.14 -9.44
CA HIS A 61 12.11 -18.28 -8.50
C HIS A 61 11.37 -16.93 -8.35
N PRO A 62 10.03 -16.95 -8.31
CA PRO A 62 9.36 -15.65 -8.17
C PRO A 62 9.92 -14.89 -6.96
N GLY A 63 10.30 -15.66 -5.96
CA GLY A 63 10.86 -15.09 -4.74
C GLY A 63 12.15 -14.36 -5.02
N GLU A 64 12.72 -14.54 -6.19
CA GLU A 64 13.97 -13.85 -6.54
C GLU A 64 13.71 -12.31 -6.69
N LEU A 65 12.54 -11.94 -7.20
CA LEU A 65 12.22 -10.54 -7.37
C LEU A 65 11.76 -9.86 -6.07
N SER A 66 12.61 -8.94 -5.60
CA SER A 66 12.34 -8.18 -4.39
C SER A 66 11.13 -7.24 -4.48
N ALA A 67 10.49 -6.99 -3.35
CA ALA A 67 9.36 -6.08 -3.34
C ALA A 67 9.92 -4.67 -3.62
N ARG A 68 11.11 -4.39 -3.13
CA ARG A 68 11.70 -3.09 -3.37
C ARG A 68 12.06 -3.01 -4.82
N SER A 69 12.84 -3.96 -5.34
CA SER A 69 13.22 -3.88 -6.75
C SER A 69 12.03 -4.02 -7.72
N GLY A 70 10.99 -4.75 -7.32
CA GLY A 70 9.83 -4.87 -8.19
C GLY A 70 9.17 -3.50 -8.27
N ASP A 71 8.83 -2.92 -7.13
CA ASP A 71 8.18 -1.63 -7.10
C ASP A 71 9.00 -0.65 -7.92
N ALA A 72 10.33 -0.69 -7.78
CA ALA A 72 11.23 0.21 -8.49
C ALA A 72 11.17 0.07 -10.00
N LEU A 73 11.10 -1.19 -10.45
CA LEU A 73 11.06 -1.52 -11.86
C LEU A 73 9.72 -1.08 -12.45
N GLN A 74 8.66 -1.23 -11.66
CA GLN A 74 7.33 -0.90 -12.11
C GLN A 74 7.20 0.59 -12.33
N LYS A 75 7.90 1.36 -11.49
CA LYS A 75 7.91 2.82 -11.60
C LYS A 75 8.76 3.19 -12.81
N ALA A 76 10.00 2.70 -12.84
CA ALA A 76 10.91 2.95 -13.94
C ALA A 76 10.25 2.78 -15.31
N PHE A 77 9.33 1.83 -15.43
CA PHE A 77 8.71 1.64 -16.73
C PHE A 77 7.29 2.15 -16.89
N THR A 78 6.94 3.16 -16.12
CA THR A 78 5.59 3.70 -16.23
C THR A 78 5.45 4.41 -17.55
N ASP A 79 4.35 4.13 -18.25
CA ASP A 79 4.11 4.75 -19.53
C ASP A 79 5.25 4.34 -20.44
N LYS A 80 5.64 3.08 -20.33
CA LYS A 80 6.72 2.51 -21.13
C LYS A 80 6.55 1.00 -21.05
N GLU A 81 5.35 0.61 -20.65
CA GLU A 81 4.96 -0.78 -20.49
C GLU A 81 5.42 -1.65 -21.65
N GLU A 82 5.17 -1.20 -22.87
CA GLU A 82 5.56 -1.97 -24.05
C GLU A 82 7.05 -2.24 -24.12
N LEU A 83 7.86 -1.23 -23.82
CA LEU A 83 9.29 -1.41 -23.86
C LEU A 83 9.68 -2.55 -22.93
N LEU A 84 9.12 -2.52 -21.72
CA LEU A 84 9.37 -3.55 -20.67
C LEU A 84 9.04 -4.93 -21.20
N LYS A 85 7.81 -5.07 -21.71
CA LYS A 85 7.29 -6.31 -22.27
C LYS A 85 8.21 -6.81 -23.37
N GLN A 86 8.60 -5.92 -24.27
CA GLN A 86 9.48 -6.29 -25.38
C GLN A 86 10.84 -6.67 -24.85
N GLN A 87 11.48 -5.73 -24.15
CA GLN A 87 12.79 -5.96 -23.60
C GLN A 87 12.86 -7.22 -22.73
N ALA A 88 11.69 -7.73 -22.34
CA ALA A 88 11.60 -8.93 -21.52
C ALA A 88 11.56 -10.16 -22.42
N SER A 89 10.68 -10.16 -23.40
CA SER A 89 10.56 -11.28 -24.32
C SER A 89 11.78 -11.33 -25.22
N ASN A 90 12.34 -10.17 -25.52
CA ASN A 90 13.52 -10.04 -26.37
C ASN A 90 14.74 -10.46 -25.53
N LEU A 91 14.46 -10.89 -24.29
CA LEU A 91 15.48 -11.31 -23.33
C LEU A 91 15.19 -12.73 -22.87
N HIS A 92 13.96 -13.16 -23.14
CA HIS A 92 13.51 -14.50 -22.80
C HIS A 92 14.08 -15.45 -23.86
N GLU A 93 14.18 -14.94 -25.08
CA GLU A 93 14.71 -15.69 -26.23
C GLU A 93 16.15 -16.11 -25.94
N GLN A 94 16.89 -15.25 -25.26
CA GLN A 94 18.27 -15.55 -24.90
C GLN A 94 18.28 -16.60 -23.79
N LYS A 95 17.27 -16.55 -22.92
CA LYS A 95 17.15 -17.52 -21.83
C LYS A 95 16.92 -18.91 -22.40
N LYS A 96 16.06 -19.00 -23.40
CA LYS A 96 15.77 -20.27 -24.03
C LYS A 96 17.03 -20.80 -24.71
N ALA A 97 17.80 -19.88 -25.31
CA ALA A 97 19.05 -20.22 -26.01
C ALA A 97 20.13 -20.69 -25.04
N GLY A 98 19.72 -21.01 -23.81
CA GLY A 98 20.65 -21.45 -22.80
C GLY A 98 21.21 -20.35 -21.91
N VAL A 99 21.32 -19.11 -22.45
CA VAL A 99 21.87 -17.96 -21.71
C VAL A 99 21.27 -17.78 -20.32
N ILE A 100 22.13 -17.74 -19.30
CA ILE A 100 21.69 -17.59 -17.92
C ILE A 100 22.31 -16.40 -17.15
N PHE A 101 21.47 -15.79 -16.33
CA PHE A 101 21.81 -14.65 -15.48
C PHE A 101 20.90 -14.75 -14.26
N GLU A 102 21.46 -14.37 -13.12
CA GLU A 102 20.75 -14.40 -11.86
C GLU A 102 19.91 -13.15 -11.67
N ALA A 103 19.07 -13.17 -10.64
CA ALA A 103 18.19 -12.06 -10.30
C ALA A 103 18.88 -10.69 -10.40
N ASP A 104 19.98 -10.53 -9.70
CA ASP A 104 20.70 -9.28 -9.70
C ASP A 104 20.77 -8.64 -11.10
N GLU A 105 21.28 -9.38 -12.08
CA GLU A 105 21.40 -8.88 -13.46
C GLU A 105 20.09 -8.71 -14.22
N VAL A 106 19.15 -9.63 -14.01
CA VAL A 106 17.85 -9.61 -14.67
C VAL A 106 17.19 -8.23 -14.60
N ILE A 107 17.27 -7.62 -13.43
CA ILE A 107 16.69 -6.32 -13.17
C ILE A 107 17.51 -5.27 -13.93
N THR A 108 18.81 -5.52 -14.06
CA THR A 108 19.70 -4.60 -14.75
C THR A 108 19.56 -4.63 -16.29
N LEU A 109 19.53 -5.84 -16.85
CA LEU A 109 19.39 -6.00 -18.29
C LEU A 109 18.04 -5.48 -18.77
N LEU A 110 17.09 -5.25 -17.87
CA LEU A 110 15.78 -4.75 -18.26
C LEU A 110 15.80 -3.23 -18.29
N THR A 111 16.27 -2.58 -17.24
CA THR A 111 16.30 -1.12 -17.25
C THR A 111 17.38 -0.60 -18.22
N SER A 112 18.15 -1.52 -18.81
CA SER A 112 19.22 -1.14 -19.73
C SER A 112 18.75 -0.37 -20.97
N VAL A 113 17.66 -0.84 -21.57
CA VAL A 113 17.09 -0.19 -22.74
C VAL A 113 16.61 1.26 -22.47
N LEU A 114 16.62 1.66 -21.21
CA LEU A 114 16.19 2.99 -20.80
C LEU A 114 17.40 3.87 -20.56
N LYS A 115 18.57 3.27 -20.65
CA LYS A 115 19.83 3.99 -20.45
C LYS A 115 20.60 4.09 -21.75
N THR A 116 21.43 5.12 -21.86
CA THR A 116 22.23 5.36 -23.06
C THR A 116 22.97 4.13 -23.59
N SER A 117 24.23 3.95 -23.14
CA SER A 117 25.06 2.81 -23.58
C SER A 117 24.43 1.41 -23.35
N PRO B 6 15.93 22.80 -49.54
CA PRO B 6 15.69 21.32 -49.64
C PRO B 6 14.49 20.88 -48.76
N THR B 7 13.54 20.11 -49.31
CA THR B 7 12.38 19.67 -48.50
C THR B 7 12.45 18.18 -48.10
N SER B 8 12.21 17.91 -46.82
CA SER B 8 12.28 16.57 -46.20
C SER B 8 11.21 15.56 -46.60
N ALA B 9 11.52 14.27 -46.51
CA ALA B 9 10.54 13.23 -46.83
C ALA B 9 9.28 13.46 -46.00
N TYR B 10 9.49 13.65 -44.70
CA TYR B 10 8.38 13.87 -43.79
C TYR B 10 7.54 15.04 -44.25
N GLU B 11 8.20 16.13 -44.58
CA GLU B 11 7.54 17.36 -45.01
C GLU B 11 6.82 17.13 -46.34
N ARG B 12 7.55 16.66 -47.35
CA ARG B 12 7.00 16.36 -48.67
C ARG B 12 5.82 15.43 -48.51
N GLY B 13 6.05 14.37 -47.70
CA GLY B 13 5.00 13.39 -47.45
C GLY B 13 3.68 14.02 -47.07
N GLN B 14 3.77 15.00 -46.17
CA GLN B 14 2.59 15.69 -45.66
C GLN B 14 1.85 16.46 -46.71
N ARG B 15 2.61 17.04 -47.63
CA ARG B 15 2.00 17.81 -48.71
C ARG B 15 1.27 16.86 -49.67
N TYR B 16 1.94 15.75 -49.99
CA TYR B 16 1.38 14.75 -50.88
C TYR B 16 0.12 14.21 -50.27
N ALA B 17 0.18 13.90 -48.97
CA ALA B 17 -0.98 13.33 -48.29
C ALA B 17 -2.12 14.33 -48.37
N SER B 18 -1.81 15.60 -48.11
CA SER B 18 -2.78 16.72 -48.15
C SER B 18 -3.50 16.74 -49.50
N ARG B 19 -2.71 16.88 -50.56
CA ARG B 19 -3.24 16.91 -51.90
C ARG B 19 -3.97 15.61 -52.24
N LEU B 20 -3.32 14.49 -51.92
CA LEU B 20 -3.92 13.22 -52.24
C LEU B 20 -5.32 13.18 -51.66
N GLN B 21 -5.46 13.59 -50.42
CA GLN B 21 -6.75 13.52 -49.80
C GLN B 21 -7.66 14.68 -50.13
N ASN B 22 -7.14 15.89 -50.34
CA ASN B 22 -8.05 16.98 -50.66
C ASN B 22 -8.43 17.19 -52.12
N GLU B 23 -7.50 17.07 -53.05
CA GLU B 23 -7.82 17.27 -54.46
C GLU B 23 -7.65 16.05 -55.40
N PHE B 24 -7.39 14.86 -54.84
CA PHE B 24 -7.24 13.66 -55.69
C PHE B 24 -8.01 12.45 -55.24
N ALA B 25 -8.95 12.69 -54.33
CA ALA B 25 -9.80 11.63 -53.87
C ALA B 25 -9.13 10.31 -53.50
N GLY B 26 -7.94 10.35 -52.94
CA GLY B 26 -7.32 9.08 -52.56
C GLY B 26 -6.66 8.35 -53.70
N ASN B 27 -6.84 8.89 -54.90
CA ASN B 27 -6.25 8.33 -56.08
C ASN B 27 -4.75 8.67 -56.19
N ILE B 28 -3.89 7.70 -55.93
CA ILE B 28 -2.49 7.99 -55.99
C ILE B 28 -1.98 8.18 -57.41
N SER B 29 -2.53 7.44 -58.35
CA SER B 29 -2.09 7.59 -59.74
C SER B 29 -2.34 9.03 -60.21
N ALA B 30 -3.48 9.58 -59.77
CA ALA B 30 -3.91 10.95 -60.10
C ALA B 30 -2.95 11.97 -59.56
N LEU B 31 -2.58 11.76 -58.29
CA LEU B 31 -1.70 12.66 -57.60
C LEU B 31 -0.32 12.62 -58.18
N ALA B 32 0.18 11.40 -58.41
CA ALA B 32 1.53 11.25 -58.99
C ALA B 32 1.58 11.77 -60.41
N ASP B 33 0.44 11.75 -61.09
CA ASP B 33 0.39 12.27 -62.45
C ASP B 33 0.62 13.78 -62.41
N ALA B 34 -0.14 14.41 -61.55
CA ALA B 34 -0.07 15.84 -61.29
C ALA B 34 1.37 16.28 -60.93
N GLU B 35 1.95 15.63 -59.93
CA GLU B 35 3.29 15.94 -59.45
C GLU B 35 4.30 15.49 -60.48
N ASN B 36 3.83 14.71 -61.43
CA ASN B 36 4.73 14.27 -62.46
C ASN B 36 5.94 13.55 -61.80
N ILE B 37 5.64 12.58 -60.95
CA ILE B 37 6.65 11.81 -60.23
C ILE B 37 6.11 10.37 -60.08
N SER B 38 7.00 9.39 -59.91
CA SER B 38 6.59 8.01 -59.71
C SER B 38 5.58 7.93 -58.54
N ARG B 39 4.75 6.89 -58.53
CA ARG B 39 3.77 6.70 -57.48
C ARG B 39 4.48 6.18 -56.22
N LYS B 40 5.62 5.54 -56.44
CA LYS B 40 6.40 4.99 -55.33
C LYS B 40 7.02 6.13 -54.55
N ILE B 41 7.17 7.30 -55.16
CA ILE B 41 7.73 8.44 -54.43
C ILE B 41 6.62 8.98 -53.52
N ILE B 42 5.38 9.12 -53.99
CA ILE B 42 4.27 9.58 -53.15
C ILE B 42 4.14 8.61 -51.97
N THR B 43 4.10 7.33 -52.30
CA THR B 43 3.99 6.28 -51.30
C THR B 43 5.07 6.30 -50.18
N ARG B 44 6.34 6.45 -50.52
CA ARG B 44 7.37 6.46 -49.48
C ARG B 44 7.30 7.76 -48.71
N CYS B 45 6.92 8.82 -49.41
CA CYS B 45 6.86 10.09 -48.73
C CYS B 45 5.73 10.15 -47.75
N ILE B 46 4.55 9.75 -48.21
CA ILE B 46 3.38 9.73 -47.36
C ILE B 46 3.57 8.71 -46.25
N ASN B 47 4.15 7.58 -46.55
CA ASN B 47 4.39 6.59 -45.51
C ASN B 47 5.33 7.15 -44.46
N THR B 48 6.38 7.85 -44.89
CA THR B 48 7.33 8.44 -43.95
C THR B 48 6.56 9.41 -43.10
N ALA B 49 5.63 10.11 -43.73
CA ALA B 49 4.81 11.12 -43.09
C ALA B 49 3.93 10.57 -42.00
N LYS B 50 3.56 9.31 -42.12
CA LYS B 50 2.72 8.70 -41.10
C LYS B 50 3.44 8.48 -39.79
N LEU B 51 4.76 8.48 -39.80
CA LEU B 51 5.53 8.32 -38.56
C LEU B 51 5.19 9.43 -37.55
N PRO B 52 5.23 9.08 -36.26
CA PRO B 52 4.93 10.01 -35.17
C PRO B 52 5.87 11.18 -35.19
N LYS B 53 5.35 12.39 -35.00
CA LYS B 53 6.22 13.55 -34.99
C LYS B 53 7.41 13.30 -34.03
N SER B 54 7.16 12.55 -32.96
CA SER B 54 8.21 12.21 -31.99
C SER B 54 9.38 11.63 -32.76
N VAL B 55 9.12 10.59 -33.57
CA VAL B 55 10.15 9.96 -34.37
C VAL B 55 10.95 10.92 -35.24
N VAL B 56 10.28 11.79 -36.01
CA VAL B 56 11.01 12.75 -36.85
C VAL B 56 11.95 13.59 -36.00
N ALA B 57 11.41 14.23 -34.95
CA ALA B 57 12.23 15.08 -34.09
C ALA B 57 13.58 14.44 -33.63
N LEU B 58 13.59 13.14 -33.33
CA LEU B 58 14.82 12.48 -32.90
C LEU B 58 16.03 12.84 -33.77
N PHE B 59 15.79 13.20 -35.03
CA PHE B 59 16.90 13.56 -35.92
C PHE B 59 17.20 15.04 -35.85
N SER B 60 18.49 15.37 -35.95
CA SER B 60 18.93 16.76 -35.90
C SER B 60 18.03 17.67 -36.74
N HIS B 61 17.87 17.29 -38.01
CA HIS B 61 17.06 18.03 -38.98
C HIS B 61 16.04 17.05 -39.58
N PRO B 62 14.77 17.49 -39.82
CA PRO B 62 13.80 16.55 -40.39
C PRO B 62 14.31 15.92 -41.69
N GLY B 63 15.12 16.64 -42.46
CA GLY B 63 15.66 16.07 -43.67
C GLY B 63 16.68 14.94 -43.47
N GLU B 64 16.99 14.63 -42.22
CA GLU B 64 17.94 13.56 -41.93
C GLU B 64 17.31 12.17 -42.16
N LEU B 65 15.99 12.11 -41.96
CA LEU B 65 15.24 10.89 -42.13
C LEU B 65 14.97 10.77 -43.62
N SER B 66 15.54 9.76 -44.26
CA SER B 66 15.33 9.59 -45.70
C SER B 66 13.97 8.98 -45.99
N ALA B 67 13.32 9.43 -47.06
CA ALA B 67 12.01 8.88 -47.41
C ALA B 67 12.12 7.34 -47.44
N ARG B 68 13.12 6.86 -48.15
CA ARG B 68 13.34 5.44 -48.26
C ARG B 68 13.44 4.71 -46.89
N SER B 69 14.18 5.23 -45.91
CA SER B 69 14.24 4.46 -44.66
C SER B 69 13.02 4.77 -43.79
N GLY B 70 12.42 5.95 -43.99
CA GLY B 70 11.23 6.29 -43.24
C GLY B 70 10.04 5.40 -43.61
N ASP B 71 9.88 5.13 -44.89
CA ASP B 71 8.80 4.26 -45.37
C ASP B 71 9.05 2.90 -44.70
N ALA B 72 10.33 2.52 -44.68
CA ALA B 72 10.82 1.28 -44.10
C ALA B 72 10.42 1.15 -42.63
N LEU B 73 10.63 2.25 -41.90
CA LEU B 73 10.31 2.37 -40.49
C LEU B 73 8.83 2.21 -40.32
N GLN B 74 8.09 3.14 -40.91
CA GLN B 74 6.65 3.09 -40.84
C GLN B 74 6.16 1.66 -41.02
N LYS B 75 6.69 0.96 -42.02
CA LYS B 75 6.27 -0.43 -42.24
C LYS B 75 6.59 -1.38 -41.07
N ALA B 76 7.82 -1.34 -40.56
CA ALA B 76 8.24 -2.20 -39.48
C ALA B 76 7.41 -2.11 -38.21
N PHE B 77 6.80 -0.94 -37.98
CA PHE B 77 5.99 -0.69 -36.78
C PHE B 77 4.52 -0.63 -37.08
N THR B 78 4.11 -1.10 -38.24
CA THR B 78 2.68 -1.10 -38.54
C THR B 78 2.07 -2.06 -37.55
N ASP B 79 1.01 -1.60 -36.90
CA ASP B 79 0.32 -2.37 -35.87
C ASP B 79 1.30 -2.56 -34.70
N LYS B 80 1.95 -1.48 -34.32
CA LYS B 80 2.90 -1.48 -33.21
C LYS B 80 3.10 0.01 -32.97
N GLU B 81 2.09 0.77 -33.40
CA GLU B 81 2.15 2.20 -33.29
C GLU B 81 2.58 2.59 -31.88
N GLU B 82 2.00 1.93 -30.87
CA GLU B 82 2.33 2.25 -29.48
C GLU B 82 3.80 2.03 -29.10
N LEU B 83 4.36 0.91 -29.52
CA LEU B 83 5.76 0.58 -29.22
C LEU B 83 6.69 1.63 -29.80
N LEU B 84 6.35 2.12 -31.00
CA LEU B 84 7.18 3.14 -31.65
C LEU B 84 7.11 4.39 -30.81
N LYS B 85 5.90 4.72 -30.37
CA LYS B 85 5.62 5.88 -29.53
C LYS B 85 6.41 5.89 -28.23
N GLN B 86 6.36 4.75 -27.51
CA GLN B 86 7.06 4.62 -26.25
C GLN B 86 8.55 4.61 -26.45
N GLN B 87 9.03 3.86 -27.42
CA GLN B 87 10.47 3.80 -27.65
C GLN B 87 11.05 5.15 -28.06
N ALA B 88 10.21 6.04 -28.59
CA ALA B 88 10.68 7.34 -29.00
C ALA B 88 10.73 8.31 -27.82
N SER B 89 9.71 8.34 -26.98
CA SER B 89 9.77 9.26 -25.85
C SER B 89 11.01 8.87 -25.00
N ASN B 90 11.25 7.56 -24.89
CA ASN B 90 12.39 7.05 -24.13
C ASN B 90 13.67 7.59 -24.75
N LEU B 91 13.82 7.40 -26.05
CA LEU B 91 15.01 7.89 -26.74
C LEU B 91 15.14 9.39 -26.58
N HIS B 92 14.00 10.07 -26.42
CA HIS B 92 13.99 11.52 -26.25
C HIS B 92 14.51 11.94 -24.89
N GLU B 93 14.09 11.21 -23.86
CA GLU B 93 14.52 11.51 -22.51
C GLU B 93 16.04 11.38 -22.48
N GLN B 94 16.59 10.55 -23.35
CA GLN B 94 18.03 10.40 -23.44
C GLN B 94 18.74 11.55 -24.17
N LYS B 95 18.13 12.10 -25.21
CA LYS B 95 18.78 13.19 -25.94
C LYS B 95 18.88 14.39 -25.01
N LYS B 96 17.85 14.59 -24.19
CA LYS B 96 17.80 15.69 -23.24
C LYS B 96 18.85 15.46 -22.15
N ALA B 97 19.08 14.19 -21.86
CA ALA B 97 20.07 13.80 -20.86
C ALA B 97 21.47 13.80 -21.47
N GLY B 98 21.66 14.66 -22.47
CA GLY B 98 22.94 14.78 -23.15
C GLY B 98 23.13 13.89 -24.36
N VAL B 99 22.72 12.63 -24.23
CA VAL B 99 22.87 11.64 -25.31
C VAL B 99 22.65 12.27 -26.69
N ILE B 100 23.51 11.89 -27.64
CA ILE B 100 23.40 12.40 -29.03
C ILE B 100 23.66 11.27 -30.04
N PHE B 101 22.94 11.32 -31.16
CA PHE B 101 23.07 10.34 -32.24
C PHE B 101 22.46 10.92 -33.51
N GLU B 102 23.01 10.54 -34.66
CA GLU B 102 22.50 11.04 -35.93
C GLU B 102 21.73 9.97 -36.67
N ALA B 103 21.11 10.40 -37.77
CA ALA B 103 20.29 9.56 -38.63
C ALA B 103 20.59 8.06 -38.59
N ASP B 104 21.83 7.70 -38.91
CA ASP B 104 22.23 6.32 -38.93
C ASP B 104 21.83 5.54 -37.65
N GLU B 105 22.18 6.09 -36.48
CA GLU B 105 21.86 5.45 -35.20
C GLU B 105 20.37 5.46 -34.83
N VAL B 106 19.73 6.62 -34.95
CA VAL B 106 18.30 6.76 -34.63
C VAL B 106 17.48 5.56 -35.15
N ILE B 107 17.78 5.13 -36.36
CA ILE B 107 17.05 4.01 -36.97
C ILE B 107 17.35 2.63 -36.38
N THR B 108 18.62 2.31 -36.11
CA THR B 108 18.91 0.98 -35.56
C THR B 108 18.38 0.95 -34.14
N LEU B 109 18.60 2.07 -33.48
CA LEU B 109 18.19 2.34 -32.09
C LEU B 109 16.68 2.25 -31.90
N LEU B 110 15.96 2.81 -32.87
CA LEU B 110 14.51 2.82 -32.87
C LEU B 110 14.00 1.44 -33.32
N THR B 111 14.89 0.66 -33.92
CA THR B 111 14.50 -0.63 -34.44
C THR B 111 14.77 -1.83 -33.54
N SER B 112 15.85 -1.73 -32.78
CA SER B 112 16.21 -2.78 -31.85
C SER B 112 14.99 -3.35 -31.13
N VAL B 113 14.14 -2.48 -30.60
CA VAL B 113 12.94 -2.93 -29.89
C VAL B 113 12.10 -3.95 -30.66
N LEU B 114 12.49 -4.23 -31.89
CA LEU B 114 11.80 -5.19 -32.76
C LEU B 114 12.57 -6.51 -32.98
N LYS B 115 13.88 -6.48 -32.72
CA LYS B 115 14.75 -7.65 -32.90
C LYS B 115 14.67 -8.70 -31.80
N THR B 116 15.83 -9.29 -31.48
CA THR B 116 15.96 -10.34 -30.47
C THR B 116 17.24 -10.18 -29.62
N PRO E 6 -49.33 18.82 41.21
CA PRO E 6 -48.42 17.65 41.03
C PRO E 6 -47.13 17.98 40.26
N THR E 7 -46.18 18.67 40.90
CA THR E 7 -44.93 19.06 40.21
C THR E 7 -44.42 17.93 39.28
N SER E 8 -44.10 18.27 38.03
CA SER E 8 -43.61 17.27 37.05
C SER E 8 -42.23 16.69 37.31
N ALA E 9 -41.85 15.68 36.53
CA ALA E 9 -40.53 15.08 36.69
C ALA E 9 -39.58 16.20 36.34
N TYR E 10 -39.72 16.72 35.12
CA TYR E 10 -38.89 17.80 34.59
C TYR E 10 -38.71 18.94 35.59
N GLU E 11 -39.83 19.53 36.01
CA GLU E 11 -39.84 20.64 36.98
C GLU E 11 -39.14 20.26 38.30
N ARG E 12 -39.55 19.16 38.93
CA ARG E 12 -38.92 18.72 40.17
C ARG E 12 -37.41 18.59 39.92
N GLY E 13 -37.07 18.03 38.75
CA GLY E 13 -35.67 17.83 38.37
C GLY E 13 -34.90 19.12 38.16
N GLN E 14 -35.63 20.18 37.80
CA GLN E 14 -35.06 21.49 37.57
C GLN E 14 -34.68 22.07 38.91
N ARG E 15 -35.56 21.89 39.90
CA ARG E 15 -35.28 22.40 41.24
C ARG E 15 -34.05 21.68 41.82
N TYR E 16 -33.99 20.36 41.60
CA TYR E 16 -32.89 19.52 42.08
C TYR E 16 -31.59 20.00 41.42
N ALA E 17 -31.62 20.15 40.09
CA ALA E 17 -30.46 20.61 39.34
C ALA E 17 -29.88 21.91 39.93
N SER E 18 -30.72 22.92 40.07
CA SER E 18 -30.27 24.19 40.62
C SER E 18 -29.63 23.96 41.99
N ARG E 19 -30.40 23.44 42.95
CA ARG E 19 -29.87 23.20 44.29
C ARG E 19 -28.54 22.45 44.26
N LEU E 20 -28.52 21.31 43.59
CA LEU E 20 -27.29 20.50 43.52
C LEU E 20 -26.03 21.33 43.22
N GLN E 21 -26.14 22.28 42.29
CA GLN E 21 -25.01 23.13 41.88
C GLN E 21 -24.58 24.13 42.95
N ASN E 22 -25.45 25.12 43.20
CA ASN E 22 -25.19 26.16 44.20
C ASN E 22 -25.67 25.85 45.62
N GLU E 23 -25.47 24.63 46.12
CA GLU E 23 -25.93 24.29 47.47
C GLU E 23 -25.25 23.03 48.01
N PHE E 24 -24.81 22.14 47.14
CA PHE E 24 -24.15 20.90 47.58
C PHE E 24 -22.90 20.61 46.78
N ALA E 25 -22.57 21.51 45.84
CA ALA E 25 -21.37 21.37 45.03
C ALA E 25 -21.34 20.10 44.21
N GLY E 26 -22.50 19.62 43.79
CA GLY E 26 -22.53 18.41 43.00
C GLY E 26 -22.53 17.16 43.85
N ASN E 27 -22.70 17.29 45.16
CA ASN E 27 -22.75 16.14 46.06
C ASN E 27 -24.18 15.61 46.10
N ILE E 28 -24.51 14.81 45.10
CA ILE E 28 -25.83 14.22 45.00
C ILE E 28 -26.19 13.57 46.32
N SER E 29 -25.29 12.76 46.83
CA SER E 29 -25.51 12.08 48.10
C SER E 29 -26.13 13.05 49.13
N ALA E 30 -25.57 14.27 49.21
CA ALA E 30 -26.03 15.31 50.15
C ALA E 30 -27.44 15.79 49.86
N LEU E 31 -27.62 16.22 48.62
CA LEU E 31 -28.90 16.73 48.14
C LEU E 31 -30.02 15.76 48.51
N ALA E 32 -29.77 14.49 48.26
CA ALA E 32 -30.72 13.42 48.56
C ALA E 32 -31.02 13.43 50.05
N ASP E 33 -29.98 13.54 50.86
CA ASP E 33 -30.22 13.55 52.29
C ASP E 33 -31.00 14.77 52.69
N ALA E 34 -31.06 15.74 51.77
CA ALA E 34 -31.80 16.97 52.03
C ALA E 34 -33.29 16.87 51.63
N GLU E 35 -33.77 15.66 51.34
CA GLU E 35 -35.17 15.44 50.99
C GLU E 35 -35.61 14.06 51.41
N ASN E 36 -34.88 13.43 52.30
CA ASN E 36 -35.17 12.07 52.72
C ASN E 36 -35.52 11.25 51.46
N ILE E 37 -35.18 11.78 50.29
CA ILE E 37 -35.47 11.12 49.04
C ILE E 37 -34.26 10.35 48.50
N SER E 38 -34.49 9.24 47.81
CA SER E 38 -33.40 8.42 47.25
C SER E 38 -32.53 9.13 46.22
N ARG E 39 -31.31 8.65 46.04
CA ARG E 39 -30.39 9.23 45.07
C ARG E 39 -30.93 9.05 43.64
N LYS E 40 -31.36 7.84 43.34
CA LYS E 40 -31.91 7.52 42.02
C LYS E 40 -33.01 8.53 41.63
N ILE E 41 -33.84 8.97 42.56
CA ILE E 41 -34.90 9.93 42.24
C ILE E 41 -34.33 11.26 41.72
N ILE E 42 -33.32 11.81 42.42
CA ILE E 42 -32.65 13.08 42.01
C ILE E 42 -32.08 12.92 40.59
N THR E 43 -31.40 11.79 40.38
CA THR E 43 -30.82 11.39 39.10
C THR E 43 -31.87 11.47 37.98
N ARG E 44 -32.86 10.57 38.10
CA ARG E 44 -34.01 10.43 37.18
C ARG E 44 -34.62 11.77 36.80
N CYS E 45 -34.83 12.61 37.81
CA CYS E 45 -35.41 13.92 37.59
C CYS E 45 -34.45 14.87 36.93
N ILE E 46 -33.27 15.02 37.50
CA ILE E 46 -32.34 15.95 36.87
C ILE E 46 -32.05 15.51 35.43
N ASN E 47 -31.97 14.20 35.16
CA ASN E 47 -31.75 13.76 33.79
C ASN E 47 -32.96 14.09 32.90
N THR E 48 -34.14 14.14 33.51
CA THR E 48 -35.35 14.46 32.75
C THR E 48 -35.29 15.93 32.45
N ALA E 49 -34.70 16.68 33.39
CA ALA E 49 -34.54 18.13 33.26
C ALA E 49 -33.59 18.42 32.10
N LYS E 50 -32.52 17.65 32.03
CA LYS E 50 -31.51 17.79 30.97
C LYS E 50 -32.15 17.63 29.59
N LEU E 51 -33.34 17.04 29.52
CA LEU E 51 -33.98 16.86 28.23
C LEU E 51 -34.33 18.22 27.64
N PRO E 52 -34.26 18.33 26.31
CA PRO E 52 -34.56 19.57 25.57
C PRO E 52 -35.95 20.17 25.88
N LYS E 53 -35.98 21.45 26.29
CA LYS E 53 -37.23 22.13 26.62
C LYS E 53 -38.28 22.04 25.51
N SER E 54 -37.85 21.60 24.32
CA SER E 54 -38.74 21.46 23.18
C SER E 54 -39.50 20.15 23.24
N VAL E 55 -38.79 19.09 23.62
CA VAL E 55 -39.41 17.79 23.73
C VAL E 55 -40.50 17.80 24.82
N VAL E 56 -40.32 18.63 25.86
CA VAL E 56 -41.28 18.73 26.97
C VAL E 56 -42.64 19.27 26.50
N ALA E 57 -42.64 20.36 25.75
CA ALA E 57 -43.89 20.94 25.27
C ALA E 57 -44.65 19.97 24.35
N LEU E 58 -43.99 18.85 24.01
CA LEU E 58 -44.58 17.82 23.16
C LEU E 58 -45.65 16.99 23.87
N PHE E 59 -45.79 17.23 25.17
CA PHE E 59 -46.77 16.51 25.97
C PHE E 59 -47.85 17.46 26.41
N SER E 60 -49.07 16.93 26.40
CA SER E 60 -50.27 17.66 26.81
C SER E 60 -50.01 18.54 28.03
N HIS E 61 -49.05 18.11 28.84
CA HIS E 61 -48.73 18.83 30.06
C HIS E 61 -47.41 18.29 30.61
N PRO E 62 -46.51 19.20 31.05
CA PRO E 62 -45.22 18.75 31.61
C PRO E 62 -45.55 17.86 32.78
N GLY E 63 -45.61 16.56 32.57
CA GLY E 63 -45.97 15.71 33.69
C GLY E 63 -46.39 14.39 33.14
N GLU E 64 -46.66 14.37 31.85
CA GLU E 64 -47.02 13.14 31.19
C GLU E 64 -45.67 12.42 31.09
N LEU E 65 -44.58 13.20 31.16
CA LEU E 65 -43.22 12.67 31.08
C LEU E 65 -42.75 12.22 32.46
N SER E 66 -42.88 10.92 32.71
CA SER E 66 -42.47 10.32 33.97
C SER E 66 -40.96 10.42 34.10
N ALA E 67 -40.51 10.62 35.32
CA ALA E 67 -39.09 10.70 35.58
C ALA E 67 -38.47 9.40 35.09
N ARG E 68 -39.26 8.34 35.13
CA ARG E 68 -38.78 7.03 34.72
C ARG E 68 -38.38 7.06 33.23
N SER E 69 -39.32 7.44 32.38
CA SER E 69 -38.99 7.50 30.96
C SER E 69 -38.11 8.74 30.68
N GLY E 70 -38.37 9.85 31.36
CA GLY E 70 -37.54 11.03 31.17
C GLY E 70 -36.05 10.68 31.25
N ASP E 71 -35.62 10.10 32.37
CA ASP E 71 -34.23 9.70 32.57
C ASP E 71 -33.79 8.68 31.52
N ALA E 72 -34.56 7.62 31.32
CA ALA E 72 -34.21 6.60 30.34
C ALA E 72 -34.03 7.18 28.93
N LEU E 73 -34.66 8.33 28.66
CA LEU E 73 -34.60 9.02 27.36
C LEU E 73 -33.33 9.84 27.21
N GLN E 74 -33.14 10.75 28.16
CA GLN E 74 -31.98 11.63 28.19
C GLN E 74 -30.67 10.81 28.23
N LYS E 75 -30.82 9.48 28.35
CA LYS E 75 -29.67 8.57 28.36
C LYS E 75 -29.44 7.98 26.98
N ALA E 76 -30.51 7.85 26.21
CA ALA E 76 -30.41 7.30 24.87
C ALA E 76 -30.04 8.39 23.88
N PHE E 77 -29.88 9.60 24.38
CA PHE E 77 -29.53 10.73 23.52
C PHE E 77 -28.35 11.50 24.06
N THR E 78 -27.51 10.85 24.84
CA THR E 78 -26.35 11.53 25.36
C THR E 78 -25.33 11.60 24.23
N ASP E 79 -24.86 12.82 23.97
CA ASP E 79 -23.89 13.10 22.93
C ASP E 79 -24.57 12.92 21.58
N LYS E 80 -25.87 13.19 21.54
CA LYS E 80 -26.67 13.08 20.33
C LYS E 80 -27.84 14.03 20.43
N GLU E 81 -27.76 14.90 21.44
CA GLU E 81 -28.78 15.90 21.72
C GLU E 81 -29.15 16.66 20.48
N GLU E 82 -28.24 16.64 19.53
CA GLU E 82 -28.45 17.32 18.28
C GLU E 82 -29.66 16.70 17.59
N LEU E 83 -29.63 15.37 17.40
CA LEU E 83 -30.74 14.70 16.75
C LEU E 83 -32.07 14.95 17.48
N LEU E 84 -32.03 15.07 18.79
CA LEU E 84 -33.24 15.32 19.57
C LEU E 84 -33.62 16.78 19.49
N LYS E 85 -32.69 17.65 19.89
CA LYS E 85 -32.94 19.08 19.87
C LYS E 85 -33.43 19.50 18.50
N GLN E 86 -33.31 18.62 17.52
CA GLN E 86 -33.79 18.88 16.17
C GLN E 86 -35.01 18.03 15.80
N GLN E 87 -35.26 16.95 16.56
CA GLN E 87 -36.41 16.08 16.30
C GLN E 87 -37.67 16.67 16.93
N ALA E 88 -37.49 17.29 18.10
CA ALA E 88 -38.57 17.94 18.83
C ALA E 88 -39.19 18.99 17.93
N SER E 89 -38.42 19.41 16.93
CA SER E 89 -38.84 20.41 15.94
C SER E 89 -39.66 19.72 14.86
N ASN E 90 -39.20 18.55 14.42
CA ASN E 90 -39.91 17.80 13.40
C ASN E 90 -41.23 17.29 13.99
N LEU E 91 -41.43 17.58 15.28
CA LEU E 91 -42.62 17.17 16.04
C LEU E 91 -43.52 18.34 16.43
N HIS E 92 -42.90 19.47 16.76
CA HIS E 92 -43.64 20.68 17.12
C HIS E 92 -44.58 21.02 15.97
N GLU E 93 -44.25 20.48 14.80
CA GLU E 93 -45.02 20.70 13.58
C GLU E 93 -46.00 19.54 13.34
N GLN E 94 -45.66 18.36 13.84
CA GLN E 94 -46.51 17.18 13.68
C GLN E 94 -47.95 17.39 14.15
N LYS E 95 -48.12 17.61 15.46
CA LYS E 95 -49.45 17.83 16.06
C LYS E 95 -50.03 19.19 15.64
N LYS E 96 -49.12 20.12 15.32
CA LYS E 96 -49.48 21.47 14.89
C LYS E 96 -50.00 21.43 13.45
N ALA E 97 -49.78 20.31 12.78
CA ALA E 97 -50.22 20.11 11.40
C ALA E 97 -51.53 19.33 11.38
N GLY E 98 -51.60 18.31 12.21
CA GLY E 98 -52.79 17.47 12.30
C GLY E 98 -52.68 16.36 13.33
N VAL E 99 -52.86 15.12 12.88
CA VAL E 99 -52.79 13.93 13.73
C VAL E 99 -51.89 14.13 14.95
N ILE E 100 -52.54 14.28 16.11
CA ILE E 100 -51.83 14.49 17.36
C ILE E 100 -51.51 13.15 18.04
N PHE E 101 -51.00 13.22 19.26
CA PHE E 101 -50.62 12.04 20.05
C PHE E 101 -50.36 12.45 21.49
N GLU E 102 -50.20 11.47 22.39
CA GLU E 102 -49.94 11.78 23.80
C GLU E 102 -48.70 11.07 24.36
N ALA E 103 -48.52 11.22 25.66
CA ALA E 103 -47.41 10.65 26.40
C ALA E 103 -46.88 9.32 25.89
N ASP E 104 -47.68 8.28 26.02
CA ASP E 104 -47.28 6.93 25.60
C ASP E 104 -46.73 6.87 24.18
N GLU E 105 -47.12 7.82 23.34
CA GLU E 105 -46.66 7.84 21.96
C GLU E 105 -45.32 8.58 21.79
N VAL E 106 -45.29 9.86 22.18
CA VAL E 106 -44.10 10.71 22.07
C VAL E 106 -42.81 9.94 22.40
N ILE E 107 -42.84 9.09 23.42
CA ILE E 107 -41.66 8.31 23.80
C ILE E 107 -41.28 7.26 22.76
N THR E 108 -42.23 6.42 22.36
CA THR E 108 -41.99 5.36 21.38
C THR E 108 -41.45 5.91 20.06
N LEU E 109 -41.60 7.22 19.86
CA LEU E 109 -41.14 7.89 18.66
C LEU E 109 -39.73 8.46 18.83
N LEU E 110 -39.57 9.52 19.61
CA LEU E 110 -38.25 10.11 19.80
C LEU E 110 -37.12 9.06 19.92
N THR E 111 -37.42 7.87 20.46
CA THR E 111 -36.41 6.81 20.61
C THR E 111 -36.19 6.04 19.31
N SER E 112 -36.99 6.33 18.29
CA SER E 112 -36.91 5.67 16.98
C SER E 112 -36.02 6.41 15.97
N VAL E 113 -36.17 7.74 15.89
CA VAL E 113 -35.37 8.54 14.97
C VAL E 113 -33.89 8.34 15.34
N LEU E 114 -33.67 7.51 16.36
CA LEU E 114 -32.33 7.19 16.84
C LEU E 114 -32.06 5.70 16.64
N LYS E 115 -33.01 4.85 17.04
CA LYS E 115 -32.89 3.39 16.92
C LYS E 115 -32.47 2.92 15.54
N THR E 116 -32.20 1.61 15.45
CA THR E 116 -31.79 0.98 14.19
C THR E 116 -32.97 0.92 13.23
N PRO H 6 15.91 -25.54 10.09
CA PRO H 6 14.71 -24.78 9.62
C PRO H 6 14.35 -23.51 10.46
N THR H 7 13.74 -22.51 9.81
CA THR H 7 13.34 -21.20 10.40
C THR H 7 14.19 -20.59 11.53
N SER H 8 13.71 -20.70 12.77
CA SER H 8 14.37 -20.13 13.96
C SER H 8 15.89 -20.03 14.02
N ALA H 9 16.43 -18.84 14.33
CA ALA H 9 17.88 -18.68 14.39
C ALA H 9 18.45 -19.67 15.36
N TYR H 10 17.89 -19.62 16.57
CA TYR H 10 18.27 -20.51 17.66
C TYR H 10 18.29 -21.97 17.27
N GLU H 11 17.28 -22.40 16.53
CA GLU H 11 17.18 -23.78 16.08
C GLU H 11 18.36 -24.14 15.18
N ARG H 12 18.69 -23.28 14.21
CA ARG H 12 19.80 -23.52 13.30
C ARG H 12 21.12 -23.64 14.06
N GLY H 13 21.23 -22.91 15.17
CA GLY H 13 22.43 -22.97 15.99
C GLY H 13 22.71 -24.41 16.36
N GLN H 14 21.73 -25.06 16.98
CA GLN H 14 21.86 -26.47 17.39
C GLN H 14 22.01 -27.35 16.15
N ARG H 15 21.34 -26.96 15.08
CA ARG H 15 21.44 -27.70 13.84
C ARG H 15 22.86 -27.59 13.30
N TYR H 16 23.39 -26.36 13.25
CA TYR H 16 24.74 -26.11 12.75
C TYR H 16 25.82 -26.72 13.62
N ALA H 17 25.55 -26.78 14.92
CA ALA H 17 26.53 -27.33 15.85
C ALA H 17 26.68 -28.84 15.65
N SER H 18 25.55 -29.54 15.56
CA SER H 18 25.58 -30.99 15.38
C SER H 18 26.52 -31.29 14.23
N ARG H 19 26.26 -30.74 13.05
CA ARG H 19 27.14 -30.98 11.91
C ARG H 19 28.56 -30.49 12.18
N LEU H 20 28.70 -29.37 12.89
CA LEU H 20 30.03 -28.84 13.16
C LEU H 20 30.80 -29.87 13.96
N GLN H 21 30.28 -30.24 15.12
CA GLN H 21 30.93 -31.23 15.96
C GLN H 21 31.17 -32.59 15.31
N ASN H 22 30.20 -33.50 15.41
CA ASN H 22 30.35 -34.83 14.83
C ASN H 22 30.13 -34.89 13.32
N GLU H 23 31.05 -34.34 12.54
CA GLU H 23 30.97 -34.36 11.07
C GLU H 23 32.04 -33.49 10.40
N PHE H 24 32.43 -32.40 11.05
CA PHE H 24 33.44 -31.50 10.48
C PHE H 24 34.56 -31.15 11.43
N ALA H 25 34.78 -32.01 12.42
CA ALA H 25 35.86 -31.79 13.36
C ALA H 25 35.93 -30.41 14.06
N GLY H 26 34.91 -29.58 13.91
CA GLY H 26 34.95 -28.28 14.54
C GLY H 26 35.59 -27.26 13.63
N ASN H 27 35.59 -27.58 12.33
CA ASN H 27 36.13 -26.72 11.26
C ASN H 27 35.00 -25.97 10.59
N ILE H 28 34.73 -24.79 11.13
CA ILE H 28 33.68 -23.93 10.63
C ILE H 28 33.72 -23.79 9.10
N SER H 29 34.87 -23.36 8.56
CA SER H 29 35.02 -23.17 7.12
C SER H 29 34.41 -24.31 6.28
N ALA H 30 34.41 -25.51 6.86
CA ALA H 30 33.91 -26.73 6.23
C ALA H 30 32.39 -26.78 6.07
N LEU H 31 31.71 -26.78 7.21
CA LEU H 31 30.26 -26.82 7.26
C LEU H 31 29.76 -25.62 6.46
N ALA H 32 30.49 -24.52 6.59
CA ALA H 32 30.14 -23.33 5.88
C ALA H 32 30.06 -23.66 4.40
N ASP H 33 31.07 -24.32 3.85
CA ASP H 33 31.01 -24.62 2.43
C ASP H 33 30.04 -25.76 2.12
N ALA H 34 29.67 -26.51 3.15
CA ALA H 34 28.74 -27.65 3.03
C ALA H 34 27.35 -27.15 2.71
N GLU H 35 26.97 -26.08 3.42
CA GLU H 35 25.67 -25.43 3.26
C GLU H 35 25.97 -24.02 2.75
N ASN H 36 26.30 -23.91 1.47
CA ASN H 36 26.67 -22.64 0.86
C ASN H 36 26.12 -21.45 1.59
N ILE H 37 26.91 -20.98 2.54
CA ILE H 37 26.54 -19.84 3.36
C ILE H 37 27.79 -19.30 4.09
N SER H 38 27.89 -17.99 4.22
CA SER H 38 29.02 -17.38 4.89
C SER H 38 29.24 -17.90 6.31
N ARG H 39 30.53 -17.97 6.65
CA ARG H 39 30.99 -18.43 7.95
C ARG H 39 30.38 -17.62 9.09
N LYS H 40 30.40 -16.30 8.92
CA LYS H 40 29.85 -15.37 9.91
C LYS H 40 28.41 -15.78 10.27
N ILE H 41 27.64 -16.25 9.27
CA ILE H 41 26.28 -16.67 9.57
C ILE H 41 26.34 -17.79 10.60
N ILE H 42 26.97 -18.90 10.20
CA ILE H 42 27.11 -20.08 11.07
C ILE H 42 27.63 -19.71 12.45
N THR H 43 28.59 -18.80 12.52
CA THR H 43 29.07 -18.37 13.83
C THR H 43 27.89 -17.82 14.64
N ARG H 44 27.21 -16.84 14.03
CA ARG H 44 26.05 -16.18 14.63
C ARG H 44 25.02 -17.14 15.17
N CYS H 45 24.43 -17.96 14.31
CA CYS H 45 23.41 -18.91 14.76
C CYS H 45 23.89 -19.83 15.91
N ILE H 46 25.05 -20.45 15.75
CA ILE H 46 25.62 -21.33 16.78
C ILE H 46 25.70 -20.59 18.11
N ASN H 47 26.24 -19.38 18.08
CA ASN H 47 26.40 -18.57 19.28
C ASN H 47 25.09 -18.32 19.97
N THR H 48 24.04 -18.22 19.18
CA THR H 48 22.74 -17.97 19.75
C THR H 48 22.37 -19.21 20.53
N ALA H 49 22.67 -20.35 19.91
CA ALA H 49 22.42 -21.68 20.47
C ALA H 49 23.08 -21.86 21.85
N LYS H 50 24.33 -21.45 21.97
CA LYS H 50 25.08 -21.54 23.23
C LYS H 50 24.41 -20.73 24.37
N LEU H 51 23.36 -19.98 24.05
CA LEU H 51 22.66 -19.20 25.06
C LEU H 51 21.74 -20.08 25.91
N PRO H 52 21.68 -19.81 27.23
CA PRO H 52 20.84 -20.58 28.16
C PRO H 52 19.43 -20.67 27.59
N LYS H 53 18.89 -21.88 27.48
CA LYS H 53 17.53 -22.04 26.93
C LYS H 53 16.55 -21.27 27.80
N SER H 54 16.95 -21.01 29.04
CA SER H 54 16.12 -20.25 29.98
C SER H 54 15.85 -18.81 29.46
N VAL H 55 16.74 -18.34 28.58
CA VAL H 55 16.63 -17.00 27.98
C VAL H 55 15.79 -17.11 26.71
N VAL H 56 16.11 -18.08 25.85
CA VAL H 56 15.35 -18.25 24.61
C VAL H 56 13.88 -18.43 24.92
N ALA H 57 13.57 -19.20 25.96
CA ALA H 57 12.19 -19.44 26.33
C ALA H 57 11.62 -18.22 27.05
N LEU H 58 12.34 -17.10 26.96
CA LEU H 58 11.94 -15.83 27.57
C LEU H 58 11.29 -14.97 26.49
N PHE H 59 11.34 -15.47 25.27
CA PHE H 59 10.75 -14.78 24.14
C PHE H 59 9.46 -15.43 23.76
N SER H 60 8.61 -14.62 23.15
CA SER H 60 7.31 -15.03 22.70
C SER H 60 7.35 -16.14 21.63
N HIS H 61 8.55 -16.46 21.14
CA HIS H 61 8.76 -17.44 20.08
C HIS H 61 10.25 -17.39 19.69
N PRO H 62 10.93 -18.55 19.57
CA PRO H 62 12.35 -18.61 19.22
C PRO H 62 12.78 -17.75 18.02
N GLY H 63 11.87 -17.52 17.10
CA GLY H 63 12.20 -16.71 15.93
C GLY H 63 12.37 -15.24 16.25
N GLU H 64 11.82 -14.80 17.38
CA GLU H 64 11.92 -13.41 17.79
C GLU H 64 13.35 -13.00 18.11
N LEU H 65 14.12 -13.97 18.57
CA LEU H 65 15.50 -13.75 18.92
C LEU H 65 16.33 -13.92 17.68
N SER H 66 16.86 -12.84 17.13
CA SER H 66 17.63 -12.96 15.90
C SER H 66 19.06 -13.42 16.12
N ALA H 67 19.60 -14.03 15.08
CA ALA H 67 20.95 -14.55 15.10
C ALA H 67 21.86 -13.40 15.45
N ARG H 68 21.64 -12.28 14.79
CA ARG H 68 22.47 -11.11 15.03
C ARG H 68 22.46 -10.64 16.49
N SER H 69 21.31 -10.60 17.13
CA SER H 69 21.26 -10.14 18.52
C SER H 69 21.63 -11.27 19.47
N GLY H 70 21.42 -12.51 19.03
CA GLY H 70 21.77 -13.65 19.85
C GLY H 70 23.28 -13.70 19.97
N ASP H 71 23.94 -13.75 18.81
CA ASP H 71 25.40 -13.77 18.72
C ASP H 71 25.90 -12.63 19.55
N ALA H 72 25.11 -11.57 19.57
CA ALA H 72 25.45 -10.38 20.32
C ALA H 72 25.34 -10.64 21.81
N LEU H 73 24.29 -11.35 22.19
CA LEU H 73 24.06 -11.65 23.59
C LEU H 73 25.12 -12.61 24.11
N GLN H 74 25.17 -13.79 23.52
CA GLN H 74 26.14 -14.78 23.92
C GLN H 74 27.49 -14.13 24.22
N LYS H 75 27.85 -13.12 23.42
CA LYS H 75 29.12 -12.40 23.58
C LYS H 75 29.15 -11.47 24.76
N ALA H 76 28.06 -10.77 24.99
CA ALA H 76 27.97 -9.83 26.11
C ALA H 76 27.90 -10.52 27.45
N PHE H 77 28.14 -11.83 27.44
CA PHE H 77 28.11 -12.60 28.66
C PHE H 77 29.07 -13.75 28.62
N THR H 78 30.07 -13.70 27.75
CA THR H 78 30.99 -14.81 27.74
C THR H 78 31.61 -14.68 29.11
N ASP H 79 31.74 -15.80 29.82
CA ASP H 79 32.32 -15.80 31.16
C ASP H 79 31.53 -14.89 32.12
N LYS H 80 30.23 -15.18 32.25
CA LYS H 80 29.33 -14.43 33.10
C LYS H 80 27.99 -15.10 32.95
N GLU H 81 28.01 -16.31 32.40
CA GLU H 81 26.79 -17.06 32.18
C GLU H 81 25.93 -17.22 33.43
N GLU H 82 26.59 -17.27 34.59
CA GLU H 82 25.86 -17.43 35.85
C GLU H 82 25.10 -16.14 36.17
N LEU H 83 25.40 -15.08 35.42
CA LEU H 83 24.75 -13.80 35.62
C LEU H 83 23.48 -13.77 34.81
N LEU H 84 23.51 -14.46 33.67
CA LEU H 84 22.36 -14.49 32.78
C LEU H 84 21.15 -15.17 33.40
N LYS H 85 21.30 -16.46 33.70
CA LYS H 85 20.22 -17.27 34.28
C LYS H 85 19.53 -16.49 35.36
N GLN H 86 20.33 -15.84 36.22
CA GLN H 86 19.79 -15.03 37.32
C GLN H 86 19.00 -13.89 36.73
N GLN H 87 19.67 -13.11 35.88
CA GLN H 87 19.05 -11.98 35.24
C GLN H 87 17.77 -12.37 34.52
N ALA H 88 17.82 -13.49 33.79
CA ALA H 88 16.67 -13.99 33.05
C ALA H 88 15.55 -14.48 33.95
N SER H 89 15.94 -15.19 35.02
CA SER H 89 14.97 -15.75 35.97
C SER H 89 13.99 -14.68 36.45
N ASN H 90 14.52 -13.53 36.85
CA ASN H 90 13.71 -12.40 37.32
C ASN H 90 12.72 -12.04 36.24
N LEU H 91 13.26 -11.84 35.04
CA LEU H 91 12.43 -11.49 33.93
C LEU H 91 11.23 -12.41 33.81
N HIS H 92 11.40 -13.66 34.25
CA HIS H 92 10.29 -14.60 34.19
C HIS H 92 9.24 -14.25 35.22
N GLU H 93 9.69 -13.92 36.43
CA GLU H 93 8.79 -13.53 37.51
C GLU H 93 7.96 -12.37 37.01
N GLN H 94 8.64 -11.34 36.50
CA GLN H 94 7.96 -10.15 36.00
C GLN H 94 6.93 -10.38 34.91
N LYS H 95 7.27 -11.17 33.88
CA LYS H 95 6.30 -11.41 32.81
C LYS H 95 5.22 -12.35 33.37
N LYS H 96 5.56 -13.00 34.48
CA LYS H 96 4.63 -13.91 35.16
C LYS H 96 3.57 -13.04 35.84
N ALA H 97 4.06 -12.07 36.63
CA ALA H 97 3.22 -11.12 37.37
C ALA H 97 2.76 -9.95 36.51
N GLY H 98 2.14 -10.23 35.37
CA GLY H 98 1.64 -9.17 34.51
C GLY H 98 2.58 -8.62 33.45
N VAL H 99 3.56 -7.82 33.88
CA VAL H 99 4.56 -7.20 33.00
C VAL H 99 4.66 -7.91 31.65
N ILE H 100 4.50 -7.16 30.56
CA ILE H 100 4.56 -7.75 29.24
C ILE H 100 5.49 -6.99 28.30
N PHE H 101 6.75 -7.40 28.24
CA PHE H 101 7.72 -6.75 27.36
C PHE H 101 7.84 -7.53 26.06
N GLU H 102 8.25 -6.83 25.00
CA GLU H 102 8.40 -7.43 23.67
C GLU H 102 9.86 -7.66 23.28
N ALA H 103 10.04 -8.40 22.18
CA ALA H 103 11.36 -8.74 21.65
C ALA H 103 12.49 -7.81 22.08
N ASP H 104 12.60 -6.65 21.44
CA ASP H 104 13.65 -5.74 21.79
C ASP H 104 13.93 -5.55 23.28
N GLU H 105 12.98 -4.94 23.99
CA GLU H 105 13.15 -4.67 25.43
C GLU H 105 13.84 -5.79 26.18
N VAL H 106 13.50 -7.04 25.85
CA VAL H 106 14.11 -8.19 26.50
C VAL H 106 15.63 -8.08 26.42
N ILE H 107 16.17 -8.06 25.19
CA ILE H 107 17.62 -7.97 25.02
C ILE H 107 18.22 -6.78 25.78
N THR H 108 17.46 -5.70 25.94
CA THR H 108 17.98 -4.54 26.67
C THR H 108 18.13 -4.95 28.13
N LEU H 109 17.03 -5.44 28.71
CA LEU H 109 16.98 -5.89 30.10
C LEU H 109 18.08 -6.91 30.41
N LEU H 110 18.33 -7.81 29.47
CA LEU H 110 19.37 -8.81 29.65
C LEU H 110 20.71 -8.12 29.63
N THR H 111 20.89 -7.16 28.72
CA THR H 111 22.18 -6.47 28.62
C THR H 111 22.38 -5.33 29.63
N SER H 112 21.29 -4.85 30.22
CA SER H 112 21.33 -3.75 31.20
C SER H 112 22.23 -4.03 32.42
N VAL H 113 22.09 -5.21 33.00
CA VAL H 113 22.89 -5.56 34.16
C VAL H 113 24.39 -5.55 33.78
N LEU H 114 24.71 -5.86 32.53
CA LEU H 114 26.11 -5.93 32.09
C LEU H 114 26.91 -4.62 32.24
N LYS H 115 26.23 -3.47 32.22
CA LYS H 115 26.92 -2.18 32.33
C LYS H 115 26.73 -1.49 33.70
#